data_2G4R
#
_entry.id   2G4R
#
_cell.length_a   31.590
_cell.length_b   97.840
_cell.length_c   57.710
_cell.angle_alpha   90.00
_cell.angle_beta   105.02
_cell.angle_gamma   90.00
#
_symmetry.space_group_name_H-M   'P 1 21 1'
#
loop_
_entity.id
_entity.type
_entity.pdbx_description
1 polymer 'molybdopterin biosynthesis Mog protein'
2 non-polymer 'CHLORIDE ION'
3 non-polymer 2-AMINO-2-HYDROXYMETHYL-PROPANE-1,3-DIOL
4 water water
#
_entity_poly.entity_id   1
_entity_poly.type   'polypeptide(L)'
_entity_poly.pdbx_seq_one_letter_code
;MSTRSARIVVVSSRAAAGVYTDDCGPIIAGWLEQHGFSSVQPQVVADGNPVGEALHDAVNAGVDVIITSGGTGISPTDTT
PEHTVAVLDYVIPGLADAIRRSGLPKVPTSVLSRGVCGVAGRTLIINLPGSPGGVRDGLGVLADVLDHALEQIAGGDHPR
;
_entity_poly.pdbx_strand_id   A,B,C
#
loop_
_chem_comp.id
_chem_comp.type
_chem_comp.name
_chem_comp.formula
CL non-polymer 'CHLORIDE ION' 'Cl -1'
TRS non-polymer 2-AMINO-2-HYDROXYMETHYL-PROPANE-1,3-DIOL 'C4 H12 N O3 1'
#
# COMPACT_ATOMS: atom_id res chain seq x y z
N THR A 3 -27.75 1.38 11.26
CA THR A 3 -26.92 2.31 10.42
C THR A 3 -26.07 3.24 11.34
N ARG A 4 -24.76 3.00 11.44
CA ARG A 4 -23.84 3.85 12.28
C ARG A 4 -22.31 3.62 12.07
N SER A 5 -21.80 2.37 12.04
CA SER A 5 -20.32 2.12 11.90
C SER A 5 -19.90 1.22 10.74
N ALA A 6 -18.82 1.60 10.03
CA ALA A 6 -18.47 0.88 8.82
C ALA A 6 -16.97 0.95 8.52
N ARG A 7 -16.51 -0.01 7.72
CA ARG A 7 -15.27 0.08 7.03
C ARG A 7 -15.38 -0.20 5.53
N ILE A 8 -14.37 0.31 4.81
CA ILE A 8 -14.22 0.21 3.39
C ILE A 8 -12.87 -0.42 3.10
N VAL A 9 -12.90 -1.47 2.32
CA VAL A 9 -11.70 -2.15 1.95
C VAL A 9 -11.68 -2.20 0.44
N VAL A 10 -10.73 -1.48 -0.12
CA VAL A 10 -10.49 -1.48 -1.56
C VAL A 10 -9.33 -2.43 -1.82
N VAL A 11 -9.57 -3.41 -2.69
CA VAL A 11 -8.57 -4.45 -3.01
C VAL A 11 -7.89 -4.17 -4.35
N SER A 12 -6.63 -3.76 -4.29
CA SER A 12 -5.86 -3.54 -5.48
C SER A 12 -4.40 -3.50 -5.05
N SER A 13 -3.61 -4.41 -5.59
CA SER A 13 -2.21 -4.49 -5.20
C SER A 13 -1.45 -3.24 -5.65
N ARG A 14 -1.73 -2.78 -6.88
CA ARG A 14 -1.12 -1.51 -7.34
C ARG A 14 -1.52 -0.32 -6.50
N ALA A 15 -2.82 -0.18 -6.25
CA ALA A 15 -3.28 1.00 -5.45
C ALA A 15 -2.75 0.93 -4.02
N ALA A 16 -2.67 -0.27 -3.48
CA ALA A 16 -2.22 -0.45 -2.09
C ALA A 16 -0.72 -0.07 -1.93
N ALA A 17 0.05 -0.28 -2.99
CA ALA A 17 1.45 0.10 -3.07
C ALA A 17 1.64 1.59 -3.33
N GLY A 18 0.54 2.33 -3.53
CA GLY A 18 0.60 3.78 -3.76
C GLY A 18 1.03 4.16 -5.17
N VAL A 19 0.84 3.25 -6.13
CA VAL A 19 1.21 3.54 -7.52
C VAL A 19 0.02 3.49 -8.43
N TYR A 20 -1.20 3.54 -7.86
CA TYR A 20 -2.42 3.59 -8.65
C TYR A 20 -3.59 4.29 -7.96
N THR A 21 -4.47 4.85 -8.77
CA THR A 21 -5.59 5.63 -8.26
C THR A 21 -6.66 4.74 -7.58
N ASP A 22 -7.20 5.15 -6.44
CA ASP A 22 -8.41 4.49 -5.89
C ASP A 22 -9.62 5.41 -6.21
N ASP A 23 -10.39 5.13 -7.26
CA ASP A 23 -11.60 5.96 -7.47
C ASP A 23 -12.84 5.36 -6.83
N CYS A 24 -12.80 4.06 -6.48
CA CYS A 24 -13.95 3.42 -5.89
C CYS A 24 -14.19 3.74 -4.42
N GLY A 25 -13.13 3.72 -3.61
CA GLY A 25 -13.20 4.07 -2.21
C GLY A 25 -13.89 5.39 -1.85
N PRO A 26 -13.49 6.50 -2.50
CA PRO A 26 -14.22 7.77 -2.30
C PRO A 26 -15.74 7.71 -2.62
N ILE A 27 -16.12 6.99 -3.67
CA ILE A 27 -17.52 6.80 -3.96
C ILE A 27 -18.25 6.15 -2.77
N ILE A 28 -17.65 5.08 -2.24
CA ILE A 28 -18.25 4.36 -1.12
C ILE A 28 -18.30 5.26 0.13
N ALA A 29 -17.22 5.99 0.38
CA ALA A 29 -17.15 6.89 1.55
C ALA A 29 -18.24 7.96 1.51
N GLY A 30 -18.53 8.49 0.34
CA GLY A 30 -19.54 9.52 0.20
C GLY A 30 -20.93 8.96 0.40
N TRP A 31 -21.17 7.80 -0.19
CA TRP A 31 -22.46 7.13 -0.04
C TRP A 31 -22.72 6.78 1.46
N LEU A 32 -21.69 6.31 2.14
CA LEU A 32 -21.84 5.98 3.56
C LEU A 32 -22.22 7.20 4.41
N GLU A 33 -21.68 8.34 4.04
CA GLU A 33 -21.93 9.62 4.72
C GLU A 33 -23.40 10.02 4.55
N GLN A 34 -23.94 9.71 3.36
CA GLN A 34 -25.33 9.96 3.05
C GLN A 34 -26.27 9.02 3.79
N HIS A 35 -25.76 7.92 4.35
CA HIS A 35 -26.62 6.92 5.01
C HIS A 35 -26.32 6.72 6.51
N GLY A 36 -25.84 7.77 7.17
CA GLY A 36 -25.76 7.76 8.64
C GLY A 36 -24.48 7.20 9.23
N PHE A 37 -23.50 6.95 8.39
CA PHE A 37 -22.20 6.65 8.89
C PHE A 37 -21.46 7.97 8.81
N SER A 38 -20.20 7.95 9.19
CA SER A 38 -19.34 9.07 8.83
C SER A 38 -18.12 8.83 9.65
N SER A 39 -17.00 9.44 9.29
CA SER A 39 -16.60 9.64 7.93
C SER A 39 -15.64 8.48 7.92
N VAL A 40 -15.80 7.61 6.93
CA VAL A 40 -14.99 6.42 6.85
C VAL A 40 -14.00 6.64 5.73
N GLN A 41 -12.75 6.27 5.95
CA GLN A 41 -11.73 6.41 4.94
C GLN A 41 -11.41 5.03 4.35
N PRO A 42 -11.25 4.94 3.02
CA PRO A 42 -10.86 3.62 2.46
C PRO A 42 -9.56 3.03 3.00
N GLN A 43 -9.55 1.73 3.29
CA GLN A 43 -8.29 0.95 3.44
C GLN A 43 -8.03 0.24 2.13
N VAL A 44 -6.88 0.47 1.57
CA VAL A 44 -6.54 -0.08 0.31
C VAL A 44 -5.54 -1.16 0.61
N VAL A 45 -5.83 -2.37 0.14
CA VAL A 45 -4.98 -3.53 0.43
C VAL A 45 -4.76 -4.37 -0.83
N ALA A 46 -3.69 -5.17 -0.84
CA ALA A 46 -3.39 -6.06 -1.96
C ALA A 46 -4.35 -7.25 -1.99
N ASP A 47 -4.41 -7.90 -3.15
CA ASP A 47 -5.20 -9.11 -3.34
C ASP A 47 -4.61 -10.18 -2.42
N GLY A 48 -5.43 -11.07 -1.92
CA GLY A 48 -4.91 -12.20 -1.14
C GLY A 48 -5.02 -12.04 0.34
N ASN A 49 -4.00 -12.54 1.02
CA ASN A 49 -4.02 -12.57 2.47
C ASN A 49 -4.41 -11.23 3.11
N PRO A 50 -3.90 -10.10 2.59
CA PRO A 50 -4.25 -8.76 3.14
C PRO A 50 -5.76 -8.51 3.18
N VAL A 51 -6.51 -9.16 2.28
CA VAL A 51 -8.00 -9.12 2.30
C VAL A 51 -8.56 -9.84 3.53
N GLY A 52 -8.15 -11.10 3.71
CA GLY A 52 -8.48 -11.82 4.95
C GLY A 52 -8.16 -11.03 6.22
N GLU A 53 -6.95 -10.51 6.27
CA GLU A 53 -6.47 -9.73 7.41
C GLU A 53 -7.36 -8.53 7.66
N ALA A 54 -7.66 -7.74 6.62
CA ALA A 54 -8.55 -6.58 6.79
C ALA A 54 -10.00 -6.95 7.26
N LEU A 55 -10.54 -8.03 6.72
CA LEU A 55 -11.90 -8.43 7.06
C LEU A 55 -11.96 -8.95 8.49
N HIS A 56 -11.04 -9.81 8.86
CA HIS A 56 -11.03 -10.36 10.24
C HIS A 56 -10.91 -9.22 11.23
N ASP A 57 -10.01 -8.28 10.95
CA ASP A 57 -9.81 -7.15 11.79
C ASP A 57 -11.09 -6.32 11.90
N ALA A 58 -11.85 -6.21 10.81
CA ALA A 58 -12.97 -5.32 10.86
C ALA A 58 -14.14 -5.98 11.63
N VAL A 59 -14.28 -7.28 11.45
CA VAL A 59 -15.30 -8.06 12.12
C VAL A 59 -15.02 -8.07 13.62
N ASN A 60 -13.73 -8.22 13.98
CA ASN A 60 -13.33 -8.34 15.36
C ASN A 60 -13.44 -6.97 16.05
N ALA A 61 -13.38 -5.89 15.27
CA ALA A 61 -13.83 -4.56 15.73
C ALA A 61 -15.35 -4.39 16.00
N GLY A 62 -16.17 -5.31 15.48
CA GLY A 62 -17.65 -5.24 15.63
C GLY A 62 -18.34 -4.16 14.82
N VAL A 63 -17.78 -3.81 13.66
CA VAL A 63 -18.39 -2.83 12.79
C VAL A 63 -19.75 -3.36 12.26
N ASP A 64 -20.70 -2.47 12.00
CA ASP A 64 -22.02 -2.87 11.47
C ASP A 64 -21.92 -3.34 9.99
N VAL A 65 -21.03 -2.70 9.21
CA VAL A 65 -20.98 -2.96 7.79
C VAL A 65 -19.59 -2.86 7.21
N ILE A 66 -19.24 -3.82 6.39
CA ILE A 66 -18.01 -3.72 5.60
C ILE A 66 -18.34 -3.75 4.11
N ILE A 67 -17.84 -2.75 3.41
CA ILE A 67 -18.00 -2.64 1.98
C ILE A 67 -16.65 -2.83 1.31
N THR A 68 -16.57 -3.85 0.46
CA THR A 68 -15.36 -4.09 -0.31
C THR A 68 -15.56 -3.75 -1.78
N SER A 69 -14.46 -3.34 -2.42
CA SER A 69 -14.43 -3.10 -3.83
C SER A 69 -13.17 -3.71 -4.50
N GLY A 70 -13.43 -4.51 -5.55
CA GLY A 70 -12.43 -5.08 -6.40
C GLY A 70 -12.04 -6.52 -6.06
N GLY A 71 -11.32 -7.16 -6.96
CA GLY A 71 -10.76 -8.53 -6.73
C GLY A 71 -11.81 -9.66 -6.85
N THR A 72 -12.96 -9.36 -7.43
CA THR A 72 -14.09 -10.30 -7.52
C THR A 72 -14.25 -10.98 -8.87
N GLY A 73 -13.44 -10.59 -9.85
CA GLY A 73 -13.53 -11.16 -11.15
C GLY A 73 -12.84 -12.51 -11.25
N ILE A 74 -12.45 -12.87 -12.45
CA ILE A 74 -11.95 -14.23 -12.76
C ILE A 74 -10.49 -14.21 -13.23
N SER A 75 -9.79 -13.14 -12.90
CA SER A 75 -8.38 -13.05 -13.20
C SER A 75 -7.62 -13.95 -12.23
N PRO A 76 -6.34 -14.22 -12.57
CA PRO A 76 -5.56 -15.13 -11.73
C PRO A 76 -5.54 -14.64 -10.26
N THR A 77 -5.36 -13.34 -10.12
CA THR A 77 -5.20 -12.74 -8.83
C THR A 77 -6.47 -12.30 -8.05
N ASP A 78 -7.67 -12.51 -8.61
CA ASP A 78 -8.93 -12.10 -7.95
C ASP A 78 -9.36 -13.13 -6.93
N THR A 79 -9.08 -12.91 -5.66
CA THR A 79 -9.49 -13.84 -4.60
C THR A 79 -10.34 -13.20 -3.49
N THR A 80 -10.93 -12.02 -3.72
CA THR A 80 -11.76 -11.37 -2.72
C THR A 80 -12.91 -12.31 -2.25
N PRO A 81 -13.64 -12.97 -3.17
CA PRO A 81 -14.81 -13.80 -2.78
C PRO A 81 -14.38 -14.94 -1.84
N GLU A 82 -13.26 -15.58 -2.15
CA GLU A 82 -12.71 -16.62 -1.28
C GLU A 82 -12.39 -16.14 0.09
N HIS A 83 -11.63 -15.05 0.21
CA HIS A 83 -11.33 -14.48 1.50
C HIS A 83 -12.55 -14.01 2.31
N THR A 84 -13.58 -13.52 1.61
CA THR A 84 -14.84 -13.06 2.23
C THR A 84 -15.62 -14.27 2.76
N VAL A 85 -15.81 -15.27 1.89
CA VAL A 85 -16.49 -16.50 2.30
C VAL A 85 -15.80 -17.09 3.54
N ALA A 86 -14.46 -17.05 3.59
CA ALA A 86 -13.74 -17.64 4.73
C ALA A 86 -14.12 -16.97 6.04
N VAL A 87 -14.28 -15.65 6.02
CA VAL A 87 -14.66 -14.88 7.19
C VAL A 87 -16.14 -14.99 7.54
N LEU A 88 -16.98 -15.17 6.53
CA LEU A 88 -18.44 -15.15 6.73
C LEU A 88 -18.95 -16.33 7.53
N ASP A 89 -19.99 -16.11 8.32
CA ASP A 89 -20.79 -17.21 8.89
C ASP A 89 -21.65 -17.82 7.79
N TYR A 90 -22.30 -16.95 6.98
CA TYR A 90 -23.05 -17.41 5.84
C TYR A 90 -23.20 -16.34 4.76
N VAL A 91 -23.61 -16.76 3.56
CA VAL A 91 -23.87 -15.84 2.43
C VAL A 91 -25.33 -15.41 2.26
N ILE A 92 -25.51 -14.28 1.60
CA ILE A 92 -26.83 -13.73 1.33
C ILE A 92 -26.88 -13.73 -0.22
N PRO A 93 -27.34 -14.86 -0.80
CA PRO A 93 -27.26 -15.00 -2.29
C PRO A 93 -28.08 -13.97 -3.06
N GLY A 94 -29.25 -13.64 -2.56
CA GLY A 94 -30.11 -12.71 -3.30
C GLY A 94 -29.49 -11.32 -3.44
N LEU A 95 -28.75 -10.89 -2.43
CA LEU A 95 -28.16 -9.56 -2.45
C LEU A 95 -27.01 -9.51 -3.45
N ALA A 96 -26.12 -10.52 -3.42
CA ALA A 96 -25.02 -10.63 -4.38
C ALA A 96 -25.55 -10.70 -5.84
N ASP A 97 -26.60 -11.50 -6.07
CA ASP A 97 -27.25 -11.64 -7.39
C ASP A 97 -27.82 -10.27 -7.84
N ALA A 98 -28.53 -9.58 -6.95
CA ALA A 98 -29.14 -8.27 -7.29
C ALA A 98 -28.06 -7.26 -7.64
N ILE A 99 -26.98 -7.23 -6.84
CA ILE A 99 -25.80 -6.39 -7.16
C ILE A 99 -25.23 -6.70 -8.56
N ARG A 100 -25.08 -7.98 -8.92
CA ARG A 100 -24.71 -8.37 -10.30
C ARG A 100 -25.69 -7.86 -11.30
N ARG A 101 -26.97 -8.06 -11.05
CA ARG A 101 -27.97 -7.65 -12.05
C ARG A 101 -28.11 -6.14 -12.19
N SER A 102 -27.65 -5.40 -11.17
CA SER A 102 -27.81 -3.94 -11.10
C SER A 102 -27.06 -3.28 -12.27
N GLY A 103 -25.90 -3.82 -12.64
CA GLY A 103 -25.03 -3.17 -13.61
C GLY A 103 -25.22 -3.74 -15.00
N LEU A 104 -26.16 -4.68 -15.08
CA LEU A 104 -26.21 -5.57 -16.20
C LEU A 104 -26.61 -4.84 -17.47
N PRO A 105 -27.75 -4.10 -17.44
CA PRO A 105 -28.42 -3.66 -18.65
C PRO A 105 -27.69 -3.80 -20.01
N LYS A 106 -26.45 -3.31 -20.32
CA LYS A 106 -25.59 -2.24 -19.72
C LYS A 106 -24.10 -2.65 -19.76
N VAL A 107 -23.62 -3.25 -18.67
CA VAL A 107 -22.27 -3.85 -18.63
C VAL A 107 -22.49 -5.36 -18.55
N PRO A 108 -22.59 -6.01 -19.74
CA PRO A 108 -22.89 -7.44 -19.79
C PRO A 108 -21.91 -8.31 -19.00
N THR A 109 -20.69 -7.84 -18.84
CA THR A 109 -19.66 -8.61 -18.14
C THR A 109 -19.86 -8.60 -16.61
N SER A 110 -20.86 -7.86 -16.12
CA SER A 110 -21.35 -7.93 -14.74
C SER A 110 -21.45 -9.33 -14.22
N VAL A 111 -21.96 -10.24 -15.06
CA VAL A 111 -22.09 -11.68 -14.76
C VAL A 111 -20.81 -12.40 -14.32
N LEU A 112 -19.65 -11.77 -14.55
CA LEU A 112 -18.36 -12.37 -14.23
C LEU A 112 -17.89 -12.00 -12.84
N SER A 113 -18.56 -11.05 -12.20
CA SER A 113 -18.17 -10.71 -10.84
C SER A 113 -18.64 -11.81 -9.92
N ARG A 114 -17.71 -12.31 -9.11
CA ARG A 114 -17.96 -13.41 -8.19
C ARG A 114 -18.21 -12.96 -6.76
N GLY A 115 -18.60 -11.71 -6.60
CA GLY A 115 -18.82 -11.12 -5.30
C GLY A 115 -19.87 -11.90 -4.52
N VAL A 116 -19.62 -11.97 -3.24
CA VAL A 116 -20.59 -12.44 -2.28
C VAL A 116 -20.94 -11.29 -1.31
N CYS A 117 -22.00 -11.51 -0.57
CA CYS A 117 -22.40 -10.72 0.57
C CYS A 117 -22.72 -11.74 1.65
N GLY A 118 -22.65 -11.33 2.91
CA GLY A 118 -23.06 -12.21 4.01
C GLY A 118 -22.99 -11.54 5.34
N VAL A 119 -23.16 -12.35 6.38
CA VAL A 119 -23.00 -11.93 7.75
C VAL A 119 -21.88 -12.74 8.40
N ALA A 120 -21.07 -12.02 9.19
CA ALA A 120 -20.02 -12.57 10.06
C ALA A 120 -20.20 -11.95 11.44
N GLY A 121 -20.53 -12.76 12.44
CA GLY A 121 -20.91 -12.24 13.73
C GLY A 121 -22.13 -11.37 13.59
N ARG A 122 -22.01 -10.08 13.85
CA ARG A 122 -23.14 -9.16 13.61
C ARG A 122 -22.75 -8.08 12.57
N THR A 123 -21.75 -8.39 11.75
CA THR A 123 -21.26 -7.50 10.71
C THR A 123 -21.75 -7.95 9.31
N LEU A 124 -22.32 -7.01 8.57
CA LEU A 124 -22.76 -7.29 7.25
C LEU A 124 -21.59 -6.94 6.33
N ILE A 125 -21.25 -7.86 5.47
CA ILE A 125 -20.16 -7.67 4.48
C ILE A 125 -20.73 -7.75 3.07
N ILE A 126 -20.36 -6.75 2.27
CA ILE A 126 -20.80 -6.55 0.87
C ILE A 126 -19.60 -6.49 -0.10
N ASN A 127 -19.49 -7.45 -1.03
CA ASN A 127 -18.47 -7.33 -2.08
C ASN A 127 -19.09 -6.56 -3.27
N LEU A 128 -18.40 -5.52 -3.70
CA LEU A 128 -18.73 -4.77 -4.92
C LEU A 128 -17.61 -4.90 -5.95
N PRO A 129 -17.96 -4.70 -7.24
CA PRO A 129 -16.94 -4.78 -8.27
C PRO A 129 -15.94 -3.65 -8.16
N GLY A 130 -14.81 -3.81 -8.84
CA GLY A 130 -13.71 -2.85 -8.84
C GLY A 130 -13.85 -1.88 -10.00
N SER A 131 -15.01 -1.27 -10.14
CA SER A 131 -15.21 -0.16 -11.10
C SER A 131 -16.22 0.87 -10.54
N PRO A 132 -15.98 2.17 -10.79
CA PRO A 132 -16.83 3.23 -10.26
C PRO A 132 -18.31 3.07 -10.57
N GLY A 133 -18.67 2.73 -11.80
CA GLY A 133 -20.09 2.50 -12.12
C GLY A 133 -20.74 1.27 -11.46
N GLY A 134 -20.00 0.17 -11.41
CA GLY A 134 -20.44 -1.07 -10.73
C GLY A 134 -20.63 -0.86 -9.25
N VAL A 135 -19.73 -0.08 -8.67
CA VAL A 135 -19.84 0.34 -7.26
C VAL A 135 -21.12 1.19 -7.01
N ARG A 136 -21.34 2.23 -7.83
CA ARG A 136 -22.49 3.11 -7.65
C ARG A 136 -23.81 2.36 -7.83
N ASP A 137 -23.89 1.52 -8.85
CA ASP A 137 -25.06 0.64 -9.11
C ASP A 137 -25.33 -0.33 -7.94
N GLY A 138 -24.28 -0.97 -7.45
CA GLY A 138 -24.42 -1.90 -6.33
C GLY A 138 -24.79 -1.18 -5.03
N LEU A 139 -24.26 0.02 -4.77
CA LEU A 139 -24.67 0.81 -3.58
C LEU A 139 -26.15 1.21 -3.69
N GLY A 140 -26.62 1.42 -4.92
CA GLY A 140 -28.04 1.71 -5.14
C GLY A 140 -28.93 0.53 -4.75
N VAL A 141 -28.47 -0.67 -5.04
CA VAL A 141 -29.16 -1.87 -4.63
C VAL A 141 -29.16 -1.96 -3.13
N LEU A 142 -27.98 -1.77 -2.52
CA LEU A 142 -27.83 -1.85 -1.07
C LEU A 142 -28.71 -0.83 -0.36
N ALA A 143 -28.88 0.35 -0.94
CA ALA A 143 -29.66 1.40 -0.30
C ALA A 143 -31.12 0.99 -0.06
N ASP A 144 -31.66 0.17 -0.95
CA ASP A 144 -33.03 -0.35 -0.84
C ASP A 144 -33.24 -1.30 0.36
N VAL A 145 -32.16 -1.87 0.88
CA VAL A 145 -32.29 -2.87 1.91
C VAL A 145 -31.42 -2.70 3.15
N LEU A 146 -30.50 -1.73 3.18
CA LEU A 146 -29.55 -1.58 4.31
C LEU A 146 -30.23 -1.48 5.68
N ASP A 147 -31.24 -0.61 5.79
CA ASP A 147 -31.83 -0.33 7.11
C ASP A 147 -32.53 -1.57 7.64
N HIS A 148 -33.31 -2.20 6.78
CA HIS A 148 -33.94 -3.45 7.11
C HIS A 148 -32.90 -4.52 7.48
N ALA A 149 -31.84 -4.68 6.66
CA ALA A 149 -30.79 -5.67 6.91
C ALA A 149 -30.12 -5.46 8.27
N LEU A 150 -29.79 -4.21 8.60
CA LEU A 150 -29.18 -3.91 9.89
C LEU A 150 -30.11 -4.14 11.06
N GLU A 151 -31.39 -3.82 10.87
CA GLU A 151 -32.43 -4.08 11.85
C GLU A 151 -32.53 -5.57 12.14
N GLN A 152 -32.58 -6.38 11.08
CA GLN A 152 -32.71 -7.83 11.23
C GLN A 152 -31.52 -8.48 11.93
N ILE A 153 -30.32 -8.10 11.52
CA ILE A 153 -29.10 -8.58 12.14
C ILE A 153 -29.07 -8.27 13.65
N ALA A 154 -29.62 -7.13 14.04
CA ALA A 154 -29.62 -6.71 15.44
C ALA A 154 -30.70 -7.36 16.29
N GLY A 155 -31.62 -8.13 15.69
CA GLY A 155 -32.72 -8.76 16.42
C GLY A 155 -33.62 -9.61 15.54
N ARG B 4 -9.03 4.72 13.75
CA ARG B 4 -8.46 6.02 13.23
C ARG B 4 -8.04 5.95 11.74
N SER B 5 -8.04 7.10 11.07
CA SER B 5 -7.58 7.22 9.69
C SER B 5 -6.44 8.25 9.52
N ALA B 6 -5.56 8.00 8.57
CA ALA B 6 -4.47 8.91 8.26
C ALA B 6 -4.27 9.06 6.78
N ARG B 7 -3.72 10.21 6.40
CA ARG B 7 -3.08 10.36 5.11
C ARG B 7 -1.60 10.74 5.31
N ILE B 8 -0.77 10.22 4.43
CA ILE B 8 0.64 10.59 4.34
C ILE B 8 0.83 11.39 3.08
N VAL B 9 1.37 12.60 3.20
CA VAL B 9 1.69 13.36 2.01
C VAL B 9 3.21 13.51 1.94
N VAL B 10 3.80 12.73 1.07
CA VAL B 10 5.21 12.90 0.75
C VAL B 10 5.31 14.04 -0.22
N VAL B 11 6.13 15.04 0.12
CA VAL B 11 6.27 16.25 -0.68
C VAL B 11 7.63 16.23 -1.38
N SER B 12 7.59 15.93 -2.69
CA SER B 12 8.76 15.96 -3.55
C SER B 12 8.37 16.07 -5.05
N SER B 13 8.79 17.11 -5.78
CA SER B 13 8.52 17.19 -7.23
C SER B 13 9.13 16.02 -8.01
N ARG B 14 10.35 15.65 -7.69
CA ARG B 14 10.98 14.49 -8.29
C ARG B 14 10.28 13.16 -7.98
N ALA B 15 9.86 12.94 -6.75
CA ALA B 15 9.13 11.71 -6.43
C ALA B 15 7.76 11.68 -7.09
N ALA B 16 7.05 12.80 -7.05
CA ALA B 16 5.80 13.00 -7.78
C ALA B 16 5.93 12.70 -9.28
N ALA B 17 7.08 13.06 -9.83
CA ALA B 17 7.37 12.89 -11.26
C ALA B 17 7.76 11.45 -11.63
N GLY B 18 7.99 10.60 -10.62
CA GLY B 18 8.51 9.25 -10.82
C GLY B 18 10.03 9.24 -11.05
N VAL B 19 10.66 10.40 -10.86
CA VAL B 19 12.10 10.58 -11.11
C VAL B 19 12.87 10.06 -9.89
N TYR B 20 12.27 10.20 -8.71
CA TYR B 20 12.81 9.68 -7.46
C TYR B 20 11.87 8.63 -6.91
N THR B 21 12.41 7.75 -6.07
CA THR B 21 11.53 6.87 -5.30
C THR B 21 11.20 7.50 -3.96
N ASP B 22 9.97 7.25 -3.56
CA ASP B 22 9.45 7.59 -2.25
C ASP B 22 9.81 6.48 -1.26
N ASP B 23 10.83 6.72 -0.46
CA ASP B 23 11.21 5.79 0.59
C ASP B 23 10.54 6.14 1.95
N CYS B 24 10.27 7.42 2.19
CA CYS B 24 9.68 7.87 3.47
C CYS B 24 8.21 7.48 3.66
N GLY B 25 7.43 7.60 2.59
CA GLY B 25 6.01 7.22 2.61
C GLY B 25 5.67 5.86 3.19
N PRO B 26 6.31 4.78 2.70
CA PRO B 26 6.22 3.41 3.30
C PRO B 26 6.71 3.28 4.74
N ILE B 27 7.71 4.09 5.14
CA ILE B 27 8.17 4.06 6.52
C ILE B 27 7.07 4.59 7.42
N ILE B 28 6.44 5.70 6.98
CA ILE B 28 5.42 6.33 7.80
C ILE B 28 4.16 5.41 7.83
N ALA B 29 3.79 4.88 6.67
CA ALA B 29 2.64 3.98 6.62
C ALA B 29 2.71 2.80 7.64
N GLY B 30 3.85 2.10 7.72
CA GLY B 30 4.02 0.97 8.66
C GLY B 30 3.93 1.35 10.14
N TRP B 31 4.47 2.52 10.47
CA TRP B 31 4.38 3.04 11.81
C TRP B 31 2.90 3.26 12.15
N LEU B 32 2.13 3.84 11.24
CA LEU B 32 0.71 4.09 11.55
C LEU B 32 -0.09 2.81 11.83
N GLU B 33 0.18 1.77 11.06
CA GLU B 33 -0.50 0.50 11.26
C GLU B 33 -0.29 -0.11 12.67
N GLN B 34 0.91 0.00 13.22
CA GLN B 34 1.17 -0.46 14.59
C GLN B 34 0.45 0.35 15.66
N HIS B 35 0.00 1.54 15.30
CA HIS B 35 -0.70 2.40 16.21
C HIS B 35 -2.19 2.40 15.96
N GLY B 36 -2.67 1.39 15.23
CA GLY B 36 -4.09 1.12 15.14
C GLY B 36 -4.78 2.02 14.15
N PHE B 37 -4.10 2.25 13.03
CA PHE B 37 -4.70 2.96 11.93
C PHE B 37 -5.05 1.94 10.83
N SER B 38 -6.26 2.03 10.28
CA SER B 38 -6.71 1.13 9.17
C SER B 38 -6.16 1.58 7.79
N SER B 39 -6.55 2.79 7.39
CA SER B 39 -5.93 3.57 6.27
C SER B 39 -4.89 3.11 5.22
N VAL B 40 -3.79 3.89 5.14
CA VAL B 40 -3.48 4.49 3.85
C VAL B 40 -2.24 4.13 2.98
N GLN B 41 -2.55 4.26 1.68
CA GLN B 41 -1.62 4.68 0.67
C GLN B 41 -1.02 6.00 1.13
N PRO B 42 0.28 6.13 0.97
CA PRO B 42 0.67 7.50 0.91
C PRO B 42 0.03 8.25 -0.27
N GLN B 43 0.34 9.53 -0.32
CA GLN B 43 0.22 10.28 -1.55
C GLN B 43 1.59 10.88 -1.74
N VAL B 44 1.89 11.27 -2.97
CA VAL B 44 3.13 11.95 -3.30
C VAL B 44 2.76 13.13 -4.15
N VAL B 45 3.14 14.34 -3.74
CA VAL B 45 2.83 15.55 -4.50
C VAL B 45 4.04 16.43 -4.67
N ALA B 46 4.01 17.30 -5.68
CA ALA B 46 5.13 18.21 -5.93
C ALA B 46 5.18 19.28 -4.84
N ASP B 47 6.34 19.92 -4.68
CA ASP B 47 6.48 21.09 -3.82
C ASP B 47 5.51 22.20 -4.23
N GLY B 48 5.11 23.03 -3.29
CA GLY B 48 4.28 24.19 -3.61
C GLY B 48 2.80 23.89 -3.51
N ASN B 49 2.06 24.43 -4.45
CA ASN B 49 0.59 24.45 -4.42
C ASN B 49 -0.04 23.12 -4.28
N PRO B 50 0.58 22.05 -4.87
CA PRO B 50 -0.01 20.76 -4.62
C PRO B 50 -0.12 20.38 -3.18
N VAL B 51 0.82 20.85 -2.35
CA VAL B 51 0.76 20.56 -0.93
C VAL B 51 -0.55 21.05 -0.35
N GLY B 52 -0.87 22.29 -0.61
CA GLY B 52 -2.12 22.97 -0.17
C GLY B 52 -3.35 22.17 -0.65
N GLU B 53 -3.30 21.73 -1.91
CA GLU B 53 -4.36 20.92 -2.50
C GLU B 53 -4.61 19.66 -1.72
N ALA B 54 -3.52 18.98 -1.41
CA ALA B 54 -3.56 17.67 -0.78
C ALA B 54 -4.04 17.79 0.63
N LEU B 55 -3.55 18.81 1.37
CA LEU B 55 -4.01 19.04 2.76
C LEU B 55 -5.48 19.39 2.77
N HIS B 56 -5.91 20.23 1.83
CA HIS B 56 -7.33 20.58 1.80
C HIS B 56 -8.22 19.43 1.48
N ASP B 57 -7.82 18.60 0.53
CA ASP B 57 -8.60 17.38 0.25
C ASP B 57 -8.71 16.46 1.49
N ALA B 58 -7.58 16.27 2.18
CA ALA B 58 -7.54 15.40 3.34
C ALA B 58 -8.32 16.00 4.53
N VAL B 59 -8.27 17.32 4.71
CA VAL B 59 -9.07 17.95 5.77
C VAL B 59 -10.58 17.86 5.47
N ASN B 60 -10.97 18.21 4.25
CA ASN B 60 -12.38 17.97 3.80
C ASN B 60 -12.92 16.56 3.95
N ALA B 61 -12.07 15.57 3.71
CA ALA B 61 -12.49 14.19 3.83
C ALA B 61 -12.60 13.80 5.30
N GLY B 62 -11.93 14.58 6.15
CA GLY B 62 -12.11 14.47 7.59
C GLY B 62 -11.23 13.44 8.26
N VAL B 63 -10.03 13.22 7.73
CA VAL B 63 -9.13 12.20 8.28
C VAL B 63 -8.64 12.68 9.67
N ASP B 64 -8.35 11.73 10.54
CA ASP B 64 -7.91 12.07 11.89
C ASP B 64 -6.49 12.72 11.94
N VAL B 65 -5.60 12.27 11.05
CA VAL B 65 -4.21 12.75 11.02
CA VAL B 65 -4.22 12.80 11.01
C VAL B 65 -3.68 12.89 9.60
N ILE B 66 -2.90 13.93 9.34
CA ILE B 66 -2.12 14.02 8.12
C ILE B 66 -0.65 14.14 8.54
N ILE B 67 0.17 13.25 8.02
CA ILE B 67 1.61 13.35 8.19
C ILE B 67 2.27 13.70 6.89
N THR B 68 2.95 14.83 6.86
CA THR B 68 3.74 15.15 5.67
C THR B 68 5.24 14.90 5.86
N SER B 69 5.89 14.72 4.72
CA SER B 69 7.32 14.50 4.65
C SER B 69 7.96 15.32 3.54
N GLY B 70 8.91 16.17 3.94
CA GLY B 70 9.68 16.96 3.00
C GLY B 70 9.17 18.35 2.78
N GLY B 71 10.01 19.14 2.16
CA GLY B 71 9.74 20.53 1.82
C GLY B 71 9.72 21.54 2.93
N THR B 72 10.36 21.19 4.07
CA THR B 72 10.35 22.02 5.26
C THR B 72 11.68 22.81 5.48
N GLY B 73 12.65 22.59 4.61
CA GLY B 73 13.93 23.29 4.68
C GLY B 73 13.89 24.75 4.26
N ILE B 74 15.08 25.27 3.93
CA ILE B 74 15.24 26.68 3.64
C ILE B 74 15.71 26.95 2.20
N SER B 75 15.62 25.93 1.34
CA SER B 75 15.89 26.10 -0.09
C SER B 75 14.68 26.76 -0.76
N PRO B 76 14.87 27.28 -1.98
CA PRO B 76 13.83 28.12 -2.58
C PRO B 76 12.52 27.39 -2.80
N THR B 77 12.59 26.09 -2.96
CA THR B 77 11.41 25.31 -3.29
C THR B 77 10.76 24.68 -2.05
N ASP B 78 11.32 24.94 -0.86
CA ASP B 78 10.77 24.42 0.40
C ASP B 78 9.61 25.28 0.85
N THR B 79 8.38 24.88 0.55
CA THR B 79 7.21 25.66 0.95
C THR B 79 6.11 24.84 1.68
N THR B 80 6.45 23.67 2.18
CA THR B 80 5.53 22.87 2.94
C THR B 80 5.00 23.63 4.16
N PRO B 81 5.89 24.31 4.93
CA PRO B 81 5.41 25.01 6.14
C PRO B 81 4.38 26.08 5.79
N GLU B 82 4.64 26.79 4.71
CA GLU B 82 3.75 27.85 4.25
C GLU B 82 2.35 27.30 3.96
N HIS B 83 2.28 26.22 3.17
CA HIS B 83 0.99 25.70 2.76
C HIS B 83 0.26 25.06 3.94
N THR B 84 1.05 24.55 4.90
CA THR B 84 0.50 23.91 6.08
C THR B 84 -0.13 25.00 6.96
N VAL B 85 0.61 26.08 7.23
CA VAL B 85 0.05 27.16 8.06
C VAL B 85 -1.24 27.78 7.45
N ALA B 86 -1.30 27.80 6.12
CA ALA B 86 -2.43 28.35 5.38
C ALA B 86 -3.68 27.51 5.60
N VAL B 87 -3.51 26.21 5.75
CA VAL B 87 -4.61 25.29 5.99
C VAL B 87 -4.97 25.24 7.47
N LEU B 88 -3.95 25.30 8.34
CA LEU B 88 -4.19 25.15 9.79
C LEU B 88 -5.09 26.22 10.36
N ASP B 89 -5.89 25.86 11.37
CA ASP B 89 -6.53 26.84 12.26
C ASP B 89 -5.53 27.39 13.29
N TYR B 90 -4.63 26.54 13.82
CA TYR B 90 -3.62 27.00 14.77
C TYR B 90 -2.50 26.02 14.83
N VAL B 91 -1.33 26.45 15.35
CA VAL B 91 -0.18 25.58 15.44
C VAL B 91 -0.03 25.01 16.87
N ILE B 92 0.76 23.96 16.97
CA ILE B 92 1.08 23.29 18.19
C ILE B 92 2.60 23.40 18.23
N PRO B 93 3.12 24.51 18.82
CA PRO B 93 4.58 24.79 18.74
C PRO B 93 5.45 23.70 19.41
N GLY B 94 5.01 23.18 20.54
CA GLY B 94 5.81 22.24 21.33
C GLY B 94 6.04 20.91 20.62
N LEU B 95 5.09 20.51 19.79
CA LEU B 95 5.26 19.29 19.02
C LEU B 95 6.27 19.47 17.87
N ALA B 96 6.11 20.54 17.06
CA ALA B 96 7.15 20.93 16.10
C ALA B 96 8.54 20.99 16.72
N ASP B 97 8.66 21.65 17.87
CA ASP B 97 9.96 21.82 18.57
C ASP B 97 10.50 20.44 18.94
N ALA B 98 9.64 19.56 19.47
CA ALA B 98 10.02 18.23 19.93
C ALA B 98 10.55 17.40 18.76
N ILE B 99 9.94 17.56 17.58
CA ILE B 99 10.33 16.88 16.34
C ILE B 99 11.71 17.36 15.87
N ARG B 100 11.94 18.67 15.91
CA ARG B 100 13.27 19.22 15.62
C ARG B 100 14.36 18.69 16.54
N ARG B 101 14.07 18.61 17.82
CA ARG B 101 15.06 18.19 18.79
C ARG B 101 15.43 16.71 18.74
N SER B 102 14.53 15.89 18.18
CA SER B 102 14.70 14.44 18.08
C SER B 102 15.88 14.06 17.16
N GLY B 103 16.30 15.00 16.31
CA GLY B 103 17.48 14.81 15.48
C GLY B 103 18.81 15.14 16.17
N LEU B 104 18.75 15.70 17.36
CA LEU B 104 19.94 16.15 18.08
C LEU B 104 20.36 15.13 19.15
N PRO B 105 21.68 15.07 19.45
CA PRO B 105 22.81 15.83 18.91
C PRO B 105 23.37 15.36 17.56
N LYS B 106 22.96 14.19 17.08
CA LYS B 106 23.61 13.58 15.90
C LYS B 106 23.55 14.41 14.60
N VAL B 107 22.44 15.10 14.37
CA VAL B 107 22.23 15.86 13.13
C VAL B 107 21.85 17.31 13.51
N PRO B 108 22.85 18.14 13.83
CA PRO B 108 22.57 19.50 14.31
C PRO B 108 21.84 20.36 13.27
N THR B 109 21.92 19.98 12.00
CA THR B 109 21.14 20.66 10.95
C THR B 109 19.58 20.44 11.01
N SER B 110 19.14 19.51 11.85
CA SER B 110 17.72 19.26 12.17
C SER B 110 16.98 20.53 12.57
N VAL B 111 17.70 21.48 13.21
CA VAL B 111 17.12 22.78 13.60
C VAL B 111 16.72 23.71 12.43
N LEU B 112 17.17 23.36 11.22
CA LEU B 112 16.83 24.08 10.03
C LEU B 112 15.45 23.71 9.41
N SER B 113 14.83 22.61 9.85
CA SER B 113 13.46 22.30 9.41
C SER B 113 12.49 23.32 10.01
N ARG B 114 11.70 23.94 9.15
CA ARG B 114 10.70 24.91 9.52
C ARG B 114 9.32 24.28 9.66
N GLY B 115 9.32 22.96 9.84
CA GLY B 115 8.10 22.17 9.93
C GLY B 115 7.23 22.65 11.06
N VAL B 116 5.91 22.62 10.84
CA VAL B 116 4.95 22.92 11.87
C VAL B 116 4.00 21.74 12.06
N CYS B 117 3.28 21.80 13.17
CA CYS B 117 2.14 20.92 13.47
C CYS B 117 0.99 21.79 13.90
N GLY B 118 -0.22 21.27 13.73
CA GLY B 118 -1.38 21.98 14.22
C GLY B 118 -2.66 21.27 13.92
N VAL B 119 -3.77 21.93 14.19
CA VAL B 119 -5.06 21.36 13.90
C VAL B 119 -5.77 22.21 12.82
N ALA B 120 -6.38 21.51 11.87
CA ALA B 120 -7.32 22.06 10.88
C ALA B 120 -8.64 21.32 11.03
N GLY B 121 -9.63 22.00 11.56
CA GLY B 121 -10.96 21.40 11.84
C GLY B 121 -10.82 20.40 12.97
N ARG B 122 -10.97 19.12 12.65
CA ARG B 122 -10.73 18.03 13.56
C ARG B 122 -9.55 17.14 13.07
N THR B 123 -8.72 17.67 12.18
CA THR B 123 -7.57 16.94 11.62
C THR B 123 -6.27 17.46 12.23
N LEU B 124 -5.48 16.54 12.79
CA LEU B 124 -4.12 16.84 13.22
C LEU B 124 -3.14 16.75 12.06
N ILE B 125 -2.36 17.80 11.87
CA ILE B 125 -1.39 17.79 10.79
C ILE B 125 -0.01 17.92 11.40
N ILE B 126 0.91 17.10 10.92
CA ILE B 126 2.32 17.04 11.42
C ILE B 126 3.29 17.11 10.24
N ASN B 127 4.11 18.15 10.18
CA ASN B 127 5.19 18.20 9.18
C ASN B 127 6.42 17.39 9.67
N LEU B 128 6.85 16.40 8.87
CA LEU B 128 8.15 15.77 9.08
C LEU B 128 9.17 16.18 8.01
N PRO B 129 10.48 16.11 8.35
CA PRO B 129 11.47 16.36 7.29
C PRO B 129 11.44 15.28 6.16
N GLY B 130 12.11 15.60 5.04
CA GLY B 130 12.20 14.69 3.87
C GLY B 130 13.21 13.55 3.90
N SER B 131 13.98 13.44 4.98
CA SER B 131 14.99 12.39 5.08
C SER B 131 14.47 11.22 5.93
N PRO B 132 14.75 9.97 5.50
CA PRO B 132 14.16 8.87 6.27
C PRO B 132 14.62 8.87 7.72
N GLY B 133 15.76 9.45 8.01
CA GLY B 133 16.22 9.65 9.39
C GLY B 133 15.49 10.73 10.16
N GLY B 134 15.14 11.83 9.50
CA GLY B 134 14.34 12.86 10.15
C GLY B 134 12.92 12.35 10.43
N VAL B 135 12.43 11.54 9.50
CA VAL B 135 11.13 10.89 9.64
C VAL B 135 11.10 9.88 10.79
N ARG B 136 12.02 8.92 10.79
CA ARG B 136 12.06 8.01 11.93
C ARG B 136 12.23 8.72 13.24
N ASP B 137 13.08 9.73 13.26
CA ASP B 137 13.29 10.53 14.48
C ASP B 137 11.98 11.24 14.97
N GLY B 138 11.22 11.80 14.05
CA GLY B 138 9.90 12.38 14.37
C GLY B 138 8.82 11.43 14.84
N LEU B 139 8.78 10.22 14.26
CA LEU B 139 7.85 9.17 14.73
C LEU B 139 8.12 8.77 16.18
N GLY B 140 9.38 8.86 16.58
CA GLY B 140 9.72 8.65 17.99
C GLY B 140 9.02 9.59 18.94
N VAL B 141 8.90 10.85 18.55
CA VAL B 141 8.16 11.84 19.38
C VAL B 141 6.69 11.48 19.47
N LEU B 142 6.13 11.12 18.33
CA LEU B 142 4.71 10.84 18.21
C LEU B 142 4.28 9.63 19.01
N ALA B 143 5.21 8.73 19.20
CA ALA B 143 4.92 7.47 19.91
C ALA B 143 4.16 7.64 21.22
N ASP B 144 4.55 8.51 22.12
CA ASP B 144 3.75 8.61 23.37
C ASP B 144 2.87 9.86 23.48
N VAL B 145 2.67 10.61 22.39
CA VAL B 145 1.72 11.76 22.48
C VAL B 145 0.58 11.70 21.48
N LEU B 146 0.72 10.89 20.44
CA LEU B 146 -0.23 10.89 19.34
C LEU B 146 -1.62 10.46 19.78
N ASP B 147 -1.71 9.32 20.47
CA ASP B 147 -3.01 8.90 20.98
C ASP B 147 -3.69 9.96 21.85
N HIS B 148 -2.98 10.51 22.84
CA HIS B 148 -3.54 11.60 23.67
C HIS B 148 -3.92 12.84 22.83
N ALA B 149 -3.09 13.19 21.85
CA ALA B 149 -3.37 14.35 20.99
C ALA B 149 -4.75 14.18 20.34
N LEU B 150 -4.92 13.03 19.69
CA LEU B 150 -6.15 12.69 18.99
C LEU B 150 -7.33 12.64 19.94
N GLU B 151 -7.11 12.12 21.13
CA GLU B 151 -8.14 12.10 22.14
C GLU B 151 -8.51 13.53 22.55
N GLN B 152 -7.52 14.40 22.67
CA GLN B 152 -7.77 15.79 23.08
C GLN B 152 -8.55 16.58 22.00
N ILE B 153 -8.20 16.34 20.75
CA ILE B 153 -8.87 16.96 19.60
C ILE B 153 -10.36 16.60 19.55
N ALA B 154 -10.63 15.32 19.83
CA ALA B 154 -11.99 14.80 20.03
C ALA B 154 -12.52 14.92 21.45
N ARG C 4 5.15 -24.33 -14.30
CA ARG C 4 6.38 -23.55 -13.96
C ARG C 4 6.33 -23.16 -12.49
N SER C 5 7.52 -23.11 -11.87
CA SER C 5 7.65 -22.90 -10.44
C SER C 5 8.45 -21.64 -10.09
N ALA C 6 8.13 -21.03 -8.96
CA ALA C 6 8.81 -19.78 -8.61
C ALA C 6 8.75 -19.51 -7.13
N ARG C 7 9.70 -18.69 -6.71
CA ARG C 7 9.68 -18.13 -5.38
CA ARG C 7 9.73 -18.12 -5.38
C ARG C 7 9.98 -16.63 -5.48
N ILE C 8 9.46 -15.90 -4.49
CA ILE C 8 9.56 -14.45 -4.39
C ILE C 8 10.12 -14.14 -3.02
N VAL C 9 11.24 -13.44 -3.03
CA VAL C 9 11.92 -13.02 -1.83
C VAL C 9 11.89 -11.49 -1.80
N VAL C 10 11.10 -10.94 -0.88
CA VAL C 10 11.07 -9.51 -0.60
C VAL C 10 12.01 -9.20 0.59
N VAL C 11 13.08 -8.44 0.30
CA VAL C 11 14.12 -8.13 1.27
C VAL C 11 13.84 -6.77 1.90
N SER C 12 13.38 -6.76 3.17
CA SER C 12 13.02 -5.51 3.86
C SER C 12 13.73 -5.38 5.22
N SER C 13 14.43 -4.27 5.42
CA SER C 13 15.14 -4.01 6.66
C SER C 13 14.16 -3.97 7.82
N ARG C 14 12.97 -3.48 7.55
CA ARG C 14 11.85 -3.47 8.50
C ARG C 14 11.60 -4.85 9.13
N ALA C 15 11.76 -5.93 8.36
CA ALA C 15 11.52 -7.29 8.89
C ALA C 15 12.50 -7.64 10.05
N THR C 21 4.10 -3.84 6.01
CA THR C 21 3.44 -4.55 4.91
C THR C 21 4.29 -4.69 3.66
N ASP C 22 4.09 -5.78 2.98
CA ASP C 22 4.82 -5.99 1.76
C ASP C 22 4.06 -5.40 0.57
N ASP C 23 4.53 -4.29 -0.01
CA ASP C 23 3.84 -3.72 -1.19
C ASP C 23 4.26 -4.34 -2.54
N CYS C 24 5.52 -4.76 -2.63
CA CYS C 24 6.04 -5.37 -3.87
C CYS C 24 5.71 -6.83 -4.10
N GLY C 25 5.78 -7.63 -3.05
CA GLY C 25 5.54 -9.07 -3.17
C GLY C 25 4.29 -9.39 -3.98
N PRO C 26 3.13 -8.78 -3.63
CA PRO C 26 1.89 -9.12 -4.35
C PRO C 26 1.90 -8.70 -5.83
N ILE C 27 2.58 -7.60 -6.14
CA ILE C 27 2.73 -7.17 -7.52
C ILE C 27 3.52 -8.22 -8.33
N ILE C 28 4.62 -8.70 -7.79
CA ILE C 28 5.43 -9.73 -8.46
C ILE C 28 4.67 -11.07 -8.57
N ALA C 29 3.94 -11.41 -7.53
CA ALA C 29 3.15 -12.66 -7.49
C ALA C 29 2.07 -12.61 -8.57
N GLY C 30 1.39 -11.48 -8.69
CA GLY C 30 0.41 -11.29 -9.74
C GLY C 30 0.98 -11.37 -11.13
N TRP C 31 2.15 -10.77 -11.34
CA TRP C 31 2.83 -10.87 -12.65
C TRP C 31 3.16 -12.31 -13.07
N LEU C 32 3.67 -13.05 -12.12
CA LEU C 32 4.02 -14.46 -12.29
C LEU C 32 2.79 -15.33 -12.65
N GLU C 33 1.66 -15.08 -11.99
CA GLU C 33 0.43 -15.79 -12.36
C GLU C 33 0.07 -15.46 -13.82
N GLN C 34 0.16 -14.19 -14.23
CA GLN C 34 -0.07 -13.85 -15.62
C GLN C 34 0.85 -14.59 -16.57
N HIS C 35 2.05 -14.96 -16.12
CA HIS C 35 3.04 -15.59 -16.98
C HIS C 35 3.17 -17.08 -16.83
N GLY C 36 2.16 -17.72 -16.24
CA GLY C 36 2.08 -19.18 -16.27
C GLY C 36 2.67 -19.87 -15.05
N PHE C 37 2.82 -19.11 -13.97
CA PHE C 37 3.25 -19.66 -12.71
C PHE C 37 2.06 -19.82 -11.76
N SER C 38 2.22 -20.67 -10.75
CA SER C 38 2.12 -20.18 -9.35
C SER C 38 0.89 -20.24 -8.42
N SER C 39 0.32 -19.08 -8.22
CA SER C 39 0.03 -18.64 -6.88
C SER C 39 1.34 -18.87 -6.08
N VAL C 40 2.18 -17.84 -5.99
CA VAL C 40 3.40 -17.91 -5.20
C VAL C 40 3.22 -16.96 -4.05
N GLN C 41 3.52 -17.41 -2.84
CA GLN C 41 3.44 -16.53 -1.70
C GLN C 41 4.80 -15.86 -1.49
N PRO C 42 4.80 -14.53 -1.44
CA PRO C 42 6.05 -13.84 -1.17
C PRO C 42 6.56 -14.12 0.23
N GLN C 43 7.86 -14.29 0.31
CA GLN C 43 8.56 -14.42 1.57
C GLN C 43 9.24 -13.09 1.85
N VAL C 44 8.81 -12.46 2.93
CA VAL C 44 9.37 -11.21 3.30
C VAL C 44 10.45 -11.53 4.35
N VAL C 45 11.67 -11.06 4.11
CA VAL C 45 12.83 -11.39 4.95
C VAL C 45 13.71 -10.18 5.19
N ALA C 46 14.47 -10.21 6.30
CA ALA C 46 15.44 -9.17 6.61
C ALA C 46 16.65 -9.33 5.71
N ASP C 47 17.43 -8.26 5.56
CA ASP C 47 18.72 -8.36 4.93
C ASP C 47 19.59 -9.39 5.63
N GLY C 48 20.56 -9.91 4.90
CA GLY C 48 21.62 -10.70 5.46
C GLY C 48 21.31 -12.18 5.39
N ASN C 49 21.51 -12.87 6.50
CA ASN C 49 21.33 -14.30 6.57
C ASN C 49 19.98 -14.77 6.00
N PRO C 50 18.88 -14.06 6.34
CA PRO C 50 17.59 -14.51 5.82
C PRO C 50 17.49 -14.53 4.30
N VAL C 51 18.22 -13.64 3.61
CA VAL C 51 18.27 -13.61 2.17
C VAL C 51 18.93 -14.90 1.67
N GLY C 52 20.08 -15.22 2.26
CA GLY C 52 20.83 -16.48 2.07
C GLY C 52 19.95 -17.70 2.21
N GLU C 53 19.16 -17.73 3.25
CA GLU C 53 18.34 -18.89 3.52
C GLU C 53 17.26 -19.06 2.48
N ALA C 54 16.63 -17.97 2.06
CA ALA C 54 15.51 -18.03 1.15
C ALA C 54 16.06 -18.45 -0.21
N LEU C 55 17.21 -17.89 -0.62
CA LEU C 55 17.85 -18.30 -1.89
C LEU C 55 18.22 -19.79 -1.89
N HIS C 56 18.86 -20.25 -0.80
CA HIS C 56 19.37 -21.62 -0.71
C HIS C 56 18.20 -22.60 -0.77
N ASP C 57 17.13 -22.33 -0.02
CA ASP C 57 15.96 -23.19 -0.02
C ASP C 57 15.32 -23.29 -1.41
N ALA C 58 15.17 -22.14 -2.09
CA ALA C 58 14.57 -22.11 -3.43
C ALA C 58 15.46 -22.85 -4.46
N VAL C 59 16.76 -22.60 -4.42
CA VAL C 59 17.71 -23.34 -5.30
C VAL C 59 17.68 -24.89 -5.09
N ASN C 60 17.70 -25.32 -3.83
CA ASN C 60 17.49 -26.71 -3.43
C ASN C 60 16.20 -27.35 -3.93
N ALA C 61 15.12 -26.57 -3.87
CA ALA C 61 13.83 -26.99 -4.37
C ALA C 61 13.78 -27.12 -5.92
N GLY C 62 14.80 -26.61 -6.61
CA GLY C 62 14.88 -26.65 -8.06
C GLY C 62 13.84 -25.85 -8.82
N VAL C 63 13.42 -24.71 -8.24
CA VAL C 63 12.43 -23.88 -8.90
C VAL C 63 13.05 -23.28 -10.14
N ASP C 64 12.18 -22.96 -11.11
CA ASP C 64 12.55 -22.40 -12.38
C ASP C 64 13.06 -20.98 -12.22
N VAL C 65 12.34 -20.16 -11.42
CA VAL C 65 12.68 -18.75 -11.22
CA VAL C 65 12.75 -18.75 -11.18
C VAL C 65 12.62 -18.30 -9.75
N ILE C 66 13.56 -17.45 -9.36
CA ILE C 66 13.48 -16.72 -8.14
C ILE C 66 13.56 -15.27 -8.53
N ILE C 67 12.60 -14.50 -8.02
CA ILE C 67 12.62 -13.05 -8.06
C ILE C 67 12.78 -12.46 -6.65
N THR C 68 13.79 -11.61 -6.49
CA THR C 68 13.99 -10.87 -5.26
C THR C 68 13.69 -9.40 -5.48
N SER C 69 13.31 -8.71 -4.41
CA SER C 69 13.04 -7.27 -4.46
C SER C 69 13.67 -6.64 -3.20
N GLY C 70 14.55 -5.66 -3.43
CA GLY C 70 15.14 -4.84 -2.38
C GLY C 70 16.52 -5.26 -1.96
N GLY C 71 17.18 -4.34 -1.26
CA GLY C 71 18.48 -4.58 -0.67
C GLY C 71 19.61 -4.54 -1.69
N THR C 72 19.38 -3.90 -2.84
CA THR C 72 20.42 -3.85 -3.88
C THR C 72 21.23 -2.57 -3.97
N GLY C 73 20.89 -1.56 -3.15
CA GLY C 73 21.64 -0.34 -3.17
C GLY C 73 22.96 -0.33 -2.41
N ILE C 74 23.30 0.85 -1.88
CA ILE C 74 24.57 1.04 -1.21
C ILE C 74 24.46 1.41 0.27
N SER C 75 23.27 1.22 0.84
CA SER C 75 23.15 1.45 2.27
C SER C 75 23.92 0.37 3.03
N PRO C 76 24.22 0.65 4.32
CA PRO C 76 25.03 -0.27 5.10
C PRO C 76 24.51 -1.74 5.10
N THR C 77 23.22 -1.97 4.92
CA THR C 77 22.66 -3.32 5.00
C THR C 77 22.23 -3.94 3.67
N ASP C 78 22.54 -3.27 2.55
CA ASP C 78 22.05 -3.67 1.26
C ASP C 78 23.01 -4.73 0.77
N THR C 79 22.76 -6.00 1.09
CA THR C 79 23.63 -7.10 0.56
C THR C 79 22.94 -8.21 -0.30
N THR C 80 21.79 -7.87 -0.89
CA THR C 80 21.07 -8.84 -1.71
C THR C 80 21.97 -9.34 -2.89
N PRO C 81 22.70 -8.43 -3.56
CA PRO C 81 23.50 -8.92 -4.69
C PRO C 81 24.60 -9.89 -4.28
N GLU C 82 25.26 -9.58 -3.16
CA GLU C 82 26.30 -10.43 -2.53
C GLU C 82 25.77 -11.81 -2.22
N HIS C 83 24.63 -11.88 -1.53
CA HIS C 83 24.00 -13.14 -1.23
C HIS C 83 23.55 -13.92 -2.48
N THR C 84 23.17 -13.19 -3.53
CA THR C 84 22.80 -13.72 -4.79
C THR C 84 24.00 -14.29 -5.50
N VAL C 85 25.04 -13.50 -5.64
CA VAL C 85 26.26 -13.98 -6.31
C VAL C 85 26.80 -15.22 -5.54
N ALA C 86 26.65 -15.23 -4.23
CA ALA C 86 27.11 -16.39 -3.43
C ALA C 86 26.46 -17.70 -3.87
N VAL C 87 25.19 -17.68 -4.29
CA VAL C 87 24.54 -18.91 -4.75
C VAL C 87 24.63 -19.18 -6.24
N LEU C 88 24.88 -18.15 -7.06
CA LEU C 88 24.92 -18.31 -8.54
C LEU C 88 26.10 -19.18 -9.05
N ASP C 89 25.88 -19.91 -10.13
CA ASP C 89 26.98 -20.49 -10.88
C ASP C 89 27.60 -19.41 -11.72
N TYR C 90 26.75 -18.62 -12.39
CA TYR C 90 27.25 -17.51 -13.18
C TYR C 90 26.20 -16.40 -13.33
N VAL C 91 26.65 -15.21 -13.64
CA VAL C 91 25.75 -14.04 -13.79
C VAL C 91 25.36 -13.84 -15.24
N ILE C 92 24.27 -13.12 -15.46
CA ILE C 92 23.81 -12.76 -16.79
C ILE C 92 23.83 -11.26 -16.84
N PRO C 93 25.01 -10.67 -17.16
CA PRO C 93 25.12 -9.20 -17.01
C PRO C 93 24.18 -8.34 -17.83
N GLY C 94 23.87 -8.74 -19.07
CA GLY C 94 22.95 -7.98 -19.92
C GLY C 94 21.58 -7.81 -19.28
N LEU C 95 21.12 -8.85 -18.61
CA LEU C 95 19.77 -8.81 -18.00
C LEU C 95 19.68 -7.83 -16.80
N ALA C 96 20.69 -7.88 -15.93
CA ALA C 96 20.80 -6.89 -14.85
C ALA C 96 20.90 -5.47 -15.43
N ASP C 97 21.73 -5.32 -16.46
CA ASP C 97 21.88 -4.00 -17.09
C ASP C 97 20.55 -3.54 -17.72
N ALA C 98 19.81 -4.45 -18.33
CA ALA C 98 18.58 -4.09 -19.01
C ALA C 98 17.55 -3.68 -17.98
N ILE C 99 17.54 -4.36 -16.83
CA ILE C 99 16.66 -4.02 -15.72
C ILE C 99 16.99 -2.61 -15.20
N ARG C 100 18.28 -2.27 -15.07
CA ARG C 100 18.67 -0.93 -14.63
C ARG C 100 18.29 0.09 -15.66
N ARG C 101 18.38 -0.27 -16.92
CA ARG C 101 18.05 0.72 -17.97
C ARG C 101 16.55 0.85 -18.27
N SER C 102 15.74 -0.03 -17.70
CA SER C 102 14.27 0.10 -17.82
C SER C 102 13.74 1.28 -17.01
N GLY C 103 12.62 1.85 -17.44
CA GLY C 103 11.89 2.82 -16.60
C GLY C 103 12.17 4.33 -16.61
N LEU C 104 13.41 4.74 -16.67
CA LEU C 104 13.80 6.07 -16.14
C LEU C 104 12.98 7.25 -16.69
N PRO C 108 16.51 7.52 -12.54
CA PRO C 108 16.36 7.38 -11.10
C PRO C 108 17.61 6.90 -10.37
N THR C 109 17.85 7.55 -9.24
CA THR C 109 19.03 7.30 -8.43
C THR C 109 19.00 5.80 -8.09
N SER C 110 19.87 5.05 -8.79
CA SER C 110 19.63 3.61 -9.10
C SER C 110 19.98 3.03 -10.54
N VAL C 111 20.71 3.69 -11.45
CA VAL C 111 22.17 3.69 -11.44
C VAL C 111 22.85 3.14 -10.23
N LEU C 112 22.25 3.28 -9.05
CA LEU C 112 22.79 2.76 -7.82
C LEU C 112 22.38 1.31 -7.44
N SER C 113 21.44 0.70 -8.18
CA SER C 113 21.04 -0.69 -7.89
C SER C 113 22.12 -1.61 -8.44
N ARG C 114 22.62 -2.45 -7.57
CA ARG C 114 23.72 -3.36 -7.87
C ARG C 114 23.17 -4.75 -8.07
N GLY C 115 21.91 -4.83 -8.50
CA GLY C 115 21.25 -6.11 -8.65
C GLY C 115 21.99 -6.92 -9.70
N VAL C 116 21.99 -8.23 -9.51
CA VAL C 116 22.49 -9.16 -10.49
C VAL C 116 21.37 -10.12 -10.88
N CYS C 117 21.62 -10.80 -11.97
CA CYS C 117 20.79 -11.91 -12.44
C CYS C 117 21.74 -13.05 -12.80
N GLY C 118 21.24 -14.27 -12.79
CA GLY C 118 22.10 -15.41 -13.03
C GLY C 118 21.41 -16.74 -12.93
N VAL C 119 22.19 -17.80 -13.07
CA VAL C 119 21.66 -19.14 -13.04
C VAL C 119 22.37 -19.85 -11.90
N ALA C 120 21.61 -20.56 -11.07
CA ALA C 120 22.15 -21.39 -10.02
C ALA C 120 21.55 -22.77 -10.28
N GLY C 121 22.33 -23.68 -10.84
CA GLY C 121 21.79 -25.01 -11.17
C GLY C 121 20.98 -24.88 -12.42
N ARG C 122 19.67 -25.14 -12.32
CA ARG C 122 18.70 -24.88 -13.40
C ARG C 122 17.69 -23.76 -13.00
N THR C 123 18.05 -22.98 -12.00
CA THR C 123 17.23 -21.89 -11.47
C THR C 123 17.76 -20.55 -11.93
N LEU C 124 16.85 -19.77 -12.50
CA LEU C 124 17.11 -18.39 -12.88
C LEU C 124 16.80 -17.46 -11.69
N ILE C 125 17.76 -16.62 -11.34
CA ILE C 125 17.56 -15.65 -10.26
C ILE C 125 17.65 -14.27 -10.82
N ILE C 126 16.65 -13.43 -10.48
CA ILE C 126 16.58 -12.04 -10.94
C ILE C 126 16.48 -11.10 -9.71
N ASN C 127 17.44 -10.17 -9.57
CA ASN C 127 17.35 -9.13 -8.54
C ASN C 127 16.57 -7.92 -9.09
N LEU C 128 15.54 -7.53 -8.34
CA LEU C 128 14.84 -6.29 -8.63
C LEU C 128 15.02 -5.28 -7.52
N PRO C 129 14.94 -3.97 -7.85
CA PRO C 129 14.96 -2.94 -6.78
C PRO C 129 13.84 -3.09 -5.79
N GLY C 130 13.98 -2.49 -4.63
CA GLY C 130 12.92 -2.48 -3.63
C GLY C 130 11.92 -1.31 -3.75
N SER C 131 11.53 -0.96 -4.95
CA SER C 131 10.44 0.00 -5.13
C SER C 131 9.41 -0.60 -6.07
N PRO C 132 8.13 -0.27 -5.87
CA PRO C 132 7.14 -0.80 -6.81
C PRO C 132 7.40 -0.38 -8.29
N GLY C 133 7.93 0.83 -8.52
CA GLY C 133 8.25 1.30 -9.87
C GLY C 133 9.44 0.56 -10.47
N GLY C 134 10.47 0.33 -9.66
CA GLY C 134 11.64 -0.44 -10.08
C GLY C 134 11.25 -1.89 -10.40
N VAL C 135 10.36 -2.43 -9.59
CA VAL C 135 9.84 -3.79 -9.81
C VAL C 135 9.03 -3.88 -11.12
N ARG C 136 8.13 -2.92 -11.31
CA ARG C 136 7.34 -2.79 -12.54
C ARG C 136 8.25 -2.83 -13.78
N ASP C 137 9.26 -1.96 -13.81
CA ASP C 137 10.11 -1.78 -14.97
C ASP C 137 10.93 -3.04 -15.24
N GLY C 138 11.53 -3.56 -14.17
CA GLY C 138 12.20 -4.81 -14.19
C GLY C 138 11.36 -5.93 -14.77
N LEU C 139 10.15 -6.14 -14.23
CA LEU C 139 9.24 -7.14 -14.79
C LEU C 139 8.93 -6.91 -16.25
N GLY C 140 8.82 -5.65 -16.69
CA GLY C 140 8.59 -5.41 -18.12
C GLY C 140 9.72 -5.91 -19.00
N VAL C 141 10.96 -5.83 -18.51
CA VAL C 141 12.09 -6.42 -19.22
C VAL C 141 11.94 -7.92 -19.25
N LEU C 142 11.68 -8.50 -18.08
CA LEU C 142 11.58 -9.94 -17.95
C LEU C 142 10.53 -10.53 -18.92
N ALA C 143 9.47 -9.77 -19.17
CA ALA C 143 8.34 -10.24 -19.92
C ALA C 143 8.79 -10.61 -21.35
N ASP C 144 9.77 -9.89 -21.87
CA ASP C 144 10.20 -10.12 -23.24
C ASP C 144 11.27 -11.23 -23.40
N VAL C 145 11.86 -11.69 -22.31
CA VAL C 145 12.91 -12.67 -22.41
C VAL C 145 12.71 -13.92 -21.59
N LEU C 146 11.71 -13.94 -20.71
CA LEU C 146 11.67 -14.98 -19.70
C LEU C 146 11.47 -16.36 -20.30
N ASP C 147 10.52 -16.48 -21.25
CA ASP C 147 10.25 -17.77 -21.92
C ASP C 147 11.48 -18.35 -22.57
N HIS C 148 12.20 -17.50 -23.32
CA HIS C 148 13.41 -17.94 -23.99
C HIS C 148 14.52 -18.32 -22.99
N ALA C 149 14.69 -17.50 -21.96
CA ALA C 149 15.67 -17.78 -20.90
C ALA C 149 15.43 -19.13 -20.26
N LEU C 150 14.16 -19.43 -19.95
CA LEU C 150 13.83 -20.69 -19.28
C LEU C 150 14.06 -21.86 -20.24
N GLU C 151 13.73 -21.64 -21.51
CA GLU C 151 14.00 -22.65 -22.53
C GLU C 151 15.51 -22.95 -22.67
N GLN C 152 16.31 -21.90 -22.67
CA GLN C 152 17.73 -22.08 -22.92
C GLN C 152 18.35 -22.77 -21.72
N ILE C 153 17.94 -22.40 -20.50
CA ILE C 153 18.51 -23.01 -19.29
C ILE C 153 18.28 -24.54 -19.24
N ALA C 154 17.14 -24.97 -19.81
CA ALA C 154 16.67 -26.39 -19.77
C ALA C 154 17.28 -27.35 -20.80
CL CL D . -14.03 -6.74 -8.87
C TRS E . -26.71 -18.35 -6.78
C1 TRS E . -25.57 -17.46 -6.25
C2 TRS E . -26.07 -19.54 -7.58
C3 TRS E . -27.54 -18.92 -5.61
N TRS E . -27.51 -17.50 -7.68
O1 TRS E . -26.01 -16.39 -5.39
O2 TRS E . -25.44 -19.06 -8.77
O3 TRS E . -28.67 -19.69 -6.05
#